data_2Y5P
#
_entry.id   2Y5P
#
_cell.length_a   28.610
_cell.length_b   58.340
_cell.length_c   158.070
_cell.angle_alpha   90.00
_cell.angle_beta   90.00
_cell.angle_gamma   90.00
#
_symmetry.space_group_name_H-M   'P 21 21 21'
#
loop_
_entity.id
_entity.type
_entity.pdbx_description
1 polymer 'INTERNALIN B'
2 non-polymer 'CALCIUM ION'
3 non-polymer 'CHLORIDE ION'
4 water water
#
_entity_poly.entity_id   1
_entity_poly.type   'polypeptide(L)'
_entity_poly.pdbx_seq_one_letter_code
;GAMVYTVSYDVDGTVIKTKVEAGTRITAPKPPTKQGYVFKGWYTEKNGGHEWNFNTDYMSGNDFTLYAVFKAET
;
_entity_poly.pdbx_strand_id   A,B,C,D
#
# COMPACT_ATOMS: atom_id res chain seq x y z
N MET A 3 37.02 -1.96 -0.19
CA MET A 3 36.31 -2.20 -1.47
CA MET A 3 36.26 -2.12 -1.46
C MET A 3 34.99 -2.95 -1.21
N VAL A 4 33.88 -2.45 -1.80
CA VAL A 4 32.53 -3.07 -1.66
C VAL A 4 32.10 -3.50 -3.06
N TYR A 5 31.67 -4.77 -3.16
CA TYR A 5 31.18 -5.30 -4.43
C TYR A 5 29.80 -5.86 -4.24
N THR A 6 29.19 -6.22 -5.37
CA THR A 6 27.80 -6.68 -5.36
C THR A 6 27.83 -8.19 -5.57
N VAL A 7 27.15 -8.85 -4.65
CA VAL A 7 26.80 -10.27 -4.80
C VAL A 7 25.35 -10.28 -5.30
N SER A 8 25.13 -10.88 -6.44
CA SER A 8 23.81 -11.06 -7.03
C SER A 8 23.35 -12.44 -6.65
N TYR A 9 22.18 -12.54 -6.13
CA TYR A 9 21.58 -13.85 -5.81
C TYR A 9 20.53 -14.13 -6.87
N ASP A 10 20.70 -15.21 -7.62
CA ASP A 10 19.81 -15.56 -8.70
C ASP A 10 19.06 -16.80 -8.35
N VAL A 11 17.75 -16.66 -8.22
CA VAL A 11 16.83 -17.75 -7.93
C VAL A 11 15.97 -17.89 -9.19
N ASP A 12 16.36 -18.86 -9.99
N ASP A 12 16.33 -18.86 -10.02
CA ASP A 12 15.70 -19.11 -11.26
CA ASP A 12 15.62 -19.09 -11.28
C ASP A 12 15.44 -17.85 -12.10
C ASP A 12 15.42 -17.84 -12.13
N GLY A 13 16.47 -17.01 -12.18
CA GLY A 13 16.42 -15.81 -12.89
C GLY A 13 15.96 -14.57 -12.24
N THR A 14 15.35 -14.70 -11.06
CA THR A 14 15.02 -13.55 -10.26
C THR A 14 16.25 -13.20 -9.50
N VAL A 15 16.71 -11.95 -9.62
CA VAL A 15 18.03 -11.60 -9.01
C VAL A 15 17.82 -10.45 -8.10
N ILE A 16 18.40 -10.68 -6.95
CA ILE A 16 18.50 -9.67 -5.86
C ILE A 16 19.98 -9.35 -5.64
N LYS A 17 20.29 -8.07 -5.56
CA LYS A 17 21.70 -7.61 -5.45
C LYS A 17 21.93 -7.16 -4.00
N THR A 18 23.08 -7.52 -3.43
CA THR A 18 23.43 -7.07 -2.10
CA THR A 18 23.44 -7.02 -2.10
C THR A 18 24.89 -6.63 -2.13
N LYS A 19 25.24 -5.56 -1.41
CA LYS A 19 26.63 -5.06 -1.51
C LYS A 19 27.41 -5.70 -0.38
N VAL A 20 28.63 -6.12 -0.68
CA VAL A 20 29.43 -6.81 0.38
C VAL A 20 30.86 -6.32 0.31
N GLU A 21 31.42 -6.06 1.47
CA GLU A 21 32.81 -5.65 1.60
CA GLU A 21 32.80 -5.64 1.59
C GLU A 21 33.74 -6.79 1.21
N ALA A 22 34.66 -6.53 0.28
CA ALA A 22 35.66 -7.53 -0.07
C ALA A 22 36.43 -8.00 1.19
N GLY A 23 36.72 -9.28 1.22
CA GLY A 23 37.46 -9.92 2.31
C GLY A 23 36.67 -10.18 3.58
N THR A 24 35.35 -9.94 3.56
CA THR A 24 34.55 -10.29 4.70
C THR A 24 33.78 -11.57 4.35
N ARG A 25 33.25 -12.24 5.36
CA ARG A 25 32.33 -13.32 5.11
CA ARG A 25 32.31 -13.32 5.15
C ARG A 25 31.00 -12.71 4.68
N ILE A 26 30.35 -13.36 3.74
CA ILE A 26 29.05 -12.94 3.24
C ILE A 26 28.02 -13.54 4.19
N THR A 27 27.00 -12.78 4.54
CA THR A 27 25.90 -13.34 5.34
C THR A 27 24.88 -13.98 4.39
N ALA A 28 24.60 -15.30 4.42
CA ALA A 28 23.63 -15.87 3.53
C ALA A 28 22.26 -15.31 3.68
N PRO A 29 21.54 -15.15 2.58
CA PRO A 29 20.14 -14.88 2.63
C PRO A 29 19.41 -15.98 3.32
N LYS A 30 18.17 -15.75 3.71
CA LYS A 30 17.34 -16.82 4.15
C LYS A 30 17.17 -17.70 2.89
N PRO A 31 17.12 -19.01 3.09
CA PRO A 31 17.13 -19.87 1.96
C PRO A 31 15.85 -19.79 1.17
N PRO A 32 15.96 -19.84 -0.13
CA PRO A 32 14.84 -19.86 -1.01
C PRO A 32 14.17 -21.17 -0.94
N THR A 33 12.91 -21.15 -1.34
CA THR A 33 12.09 -22.34 -1.35
C THR A 33 11.45 -22.45 -2.73
N LYS A 34 11.14 -23.66 -3.10
CA LYS A 34 10.55 -23.97 -4.39
CA LYS A 34 10.50 -23.94 -4.38
C LYS A 34 9.60 -25.16 -4.23
N GLN A 35 8.32 -24.95 -4.43
CA GLN A 35 7.38 -26.03 -4.26
C GLN A 35 7.75 -27.24 -5.10
N GLY A 36 7.74 -28.41 -4.46
CA GLY A 36 8.08 -29.66 -5.03
C GLY A 36 9.56 -29.94 -5.15
N TYR A 37 10.40 -29.02 -4.65
CA TYR A 37 11.80 -29.09 -4.84
C TYR A 37 12.48 -28.81 -3.47
N VAL A 38 13.77 -29.11 -3.44
CA VAL A 38 14.61 -28.91 -2.32
C VAL A 38 15.77 -27.99 -2.65
N PHE A 39 15.97 -26.96 -1.83
CA PHE A 39 17.11 -26.07 -2.01
C PHE A 39 18.40 -26.78 -1.68
N LYS A 40 19.34 -26.77 -2.60
CA LYS A 40 20.62 -27.44 -2.43
C LYS A 40 21.77 -26.55 -2.15
N GLY A 41 21.53 -25.28 -2.24
CA GLY A 41 22.53 -24.32 -1.87
C GLY A 41 22.77 -23.28 -2.96
N TRP A 42 23.69 -22.40 -2.69
CA TRP A 42 24.11 -21.32 -3.58
C TRP A 42 25.38 -21.72 -4.26
N TYR A 43 25.37 -21.72 -5.59
CA TYR A 43 26.48 -22.21 -6.34
C TYR A 43 27.08 -21.11 -7.20
N THR A 44 28.36 -21.28 -7.53
CA THR A 44 29.05 -20.23 -8.30
C THR A 44 28.65 -20.22 -9.75
N GLU A 45 27.95 -21.27 -10.15
CA GLU A 45 27.43 -21.31 -11.47
C GLU A 45 26.10 -22.04 -11.37
N LYS A 46 25.24 -21.77 -12.32
CA LYS A 46 23.96 -22.48 -12.33
C LYS A 46 24.14 -23.99 -12.56
N ASN A 47 25.05 -24.29 -13.50
CA ASN A 47 25.55 -25.66 -13.75
C ASN A 47 27.10 -25.67 -13.72
N GLY A 48 27.67 -26.66 -13.06
CA GLY A 48 29.10 -26.93 -13.11
C GLY A 48 29.97 -26.10 -12.22
N GLY A 49 29.37 -25.34 -11.33
CA GLY A 49 30.16 -24.66 -10.31
C GLY A 49 30.22 -25.44 -8.99
N HIS A 50 30.51 -24.70 -7.93
CA HIS A 50 30.64 -25.28 -6.57
C HIS A 50 29.78 -24.51 -5.61
N GLU A 51 29.50 -25.16 -4.50
CA GLU A 51 28.63 -24.56 -3.52
C GLU A 51 29.42 -23.55 -2.72
N TRP A 52 28.89 -22.36 -2.60
CA TRP A 52 29.43 -21.38 -1.65
C TRP A 52 29.10 -21.79 -0.27
N ASN A 53 30.09 -21.71 0.57
CA ASN A 53 29.95 -21.99 1.98
C ASN A 53 30.14 -20.69 2.75
N PHE A 54 29.05 -20.18 3.30
CA PHE A 54 29.10 -18.87 3.82
C PHE A 54 29.91 -18.76 5.10
N ASN A 55 30.20 -19.89 5.70
CA ASN A 55 31.05 -19.94 6.83
C ASN A 55 32.52 -19.93 6.54
N THR A 56 32.91 -20.54 5.43
CA THR A 56 34.31 -20.66 5.16
C THR A 56 34.82 -19.68 4.12
N ASP A 57 33.89 -19.10 3.34
CA ASP A 57 34.27 -18.39 2.12
C ASP A 57 34.30 -16.91 2.36
N TYR A 58 35.12 -16.21 1.58
CA TYR A 58 35.35 -14.82 1.78
C TYR A 58 35.02 -14.11 0.54
N MET A 59 34.37 -12.96 0.74
CA MET A 59 33.95 -12.18 -0.41
C MET A 59 35.14 -11.82 -1.29
N SER A 60 35.05 -12.10 -2.60
CA SER A 60 36.03 -11.75 -3.64
C SER A 60 36.09 -10.24 -3.91
N GLY A 61 37.20 -9.77 -4.48
CA GLY A 61 37.32 -8.34 -4.90
C GLY A 61 36.67 -8.02 -6.25
N ASN A 62 35.45 -8.55 -6.48
CA ASN A 62 34.71 -8.33 -7.69
C ASN A 62 33.28 -8.71 -7.39
N ASP A 63 32.40 -8.08 -8.14
CA ASP A 63 31.01 -8.51 -8.22
C ASP A 63 30.94 -9.99 -8.69
N PHE A 64 29.97 -10.74 -8.20
CA PHE A 64 29.72 -12.06 -8.74
C PHE A 64 28.29 -12.47 -8.36
N THR A 65 27.88 -13.53 -9.00
CA THR A 65 26.53 -14.08 -8.86
C THR A 65 26.61 -15.42 -8.20
N LEU A 66 25.66 -15.65 -7.26
CA LEU A 66 25.44 -16.95 -6.70
C LEU A 66 24.06 -17.43 -7.13
N TYR A 67 24.06 -18.69 -7.51
CA TYR A 67 22.88 -19.24 -8.17
C TYR A 67 22.23 -20.28 -7.24
N ALA A 68 20.94 -20.11 -6.93
CA ALA A 68 20.25 -21.12 -6.22
C ALA A 68 20.06 -22.37 -7.02
N VAL A 69 20.38 -23.52 -6.46
CA VAL A 69 20.17 -24.79 -7.12
C VAL A 69 19.13 -25.56 -6.38
N PHE A 70 18.16 -26.11 -7.13
CA PHE A 70 17.15 -26.89 -6.56
C PHE A 70 17.12 -28.32 -7.12
N LYS A 71 16.66 -29.26 -6.30
CA LYS A 71 16.50 -30.64 -6.67
C LYS A 71 15.04 -31.01 -6.50
N ALA A 72 14.45 -31.70 -7.46
CA ALA A 72 13.08 -32.14 -7.33
C ALA A 72 12.99 -33.12 -6.21
N GLU A 73 11.89 -33.01 -5.51
CA GLU A 73 11.60 -33.94 -4.41
C GLU A 73 11.43 -35.32 -5.08
N THR A 74 11.93 -36.38 -4.46
CA THR A 74 11.83 -37.76 -5.05
C THR A 74 11.27 -38.70 -4.04
N MET B 3 15.56 -1.35 11.79
CA MET B 3 14.07 -1.58 11.43
C MET B 3 13.89 -2.25 10.05
N VAL B 4 14.40 -3.45 10.00
CA VAL B 4 14.41 -4.26 8.79
CA VAL B 4 14.41 -4.26 8.79
C VAL B 4 13.41 -5.40 8.88
N TYR B 5 12.75 -5.63 7.72
CA TYR B 5 11.72 -6.64 7.62
C TYR B 5 11.95 -7.42 6.31
N THR B 6 11.32 -8.58 6.22
CA THR B 6 11.54 -9.50 5.13
C THR B 6 10.49 -9.26 4.07
N VAL B 7 10.97 -9.04 2.86
CA VAL B 7 10.14 -9.08 1.69
C VAL B 7 10.40 -10.44 1.04
N SER B 8 9.34 -11.20 0.92
CA SER B 8 9.39 -12.48 0.25
C SER B 8 8.84 -12.30 -1.16
N TYR B 9 9.60 -12.62 -2.19
CA TYR B 9 9.18 -12.59 -3.59
C TYR B 9 8.78 -13.95 -4.02
N ASP B 10 7.52 -14.14 -4.28
CA ASP B 10 6.93 -15.42 -4.61
C ASP B 10 6.60 -15.44 -6.08
N VAL B 11 7.33 -16.34 -6.77
CA VAL B 11 7.19 -16.51 -8.20
C VAL B 11 6.64 -17.90 -8.40
N ASP B 12 5.33 -18.00 -8.49
CA ASP B 12 4.68 -19.30 -8.63
C ASP B 12 5.17 -20.37 -7.70
N GLY B 13 5.34 -19.97 -6.49
CA GLY B 13 5.72 -20.90 -5.45
C GLY B 13 7.22 -21.12 -5.27
N THR B 14 8.03 -20.34 -5.98
CA THR B 14 9.46 -20.20 -5.74
C THR B 14 9.62 -18.92 -4.98
N VAL B 15 10.20 -18.98 -3.78
CA VAL B 15 10.19 -17.83 -2.88
C VAL B 15 11.59 -17.42 -2.54
N ILE B 16 11.87 -16.15 -2.74
CA ILE B 16 13.19 -15.55 -2.49
C ILE B 16 12.97 -14.49 -1.47
N LYS B 17 13.78 -14.51 -0.42
CA LYS B 17 13.65 -13.57 0.67
C LYS B 17 14.75 -12.58 0.66
N THR B 18 14.42 -11.39 1.03
CA THR B 18 15.36 -10.30 1.13
C THR B 18 14.97 -9.46 2.35
N LYS B 19 15.92 -8.77 2.95
CA LYS B 19 15.64 -7.93 4.10
CA LYS B 19 15.63 -7.90 4.09
C LYS B 19 15.70 -6.46 3.65
N VAL B 20 14.72 -5.65 4.06
CA VAL B 20 14.66 -4.31 3.58
C VAL B 20 14.30 -3.41 4.79
N GLU B 21 14.92 -2.23 4.83
CA GLU B 21 14.62 -1.28 5.87
C GLU B 21 13.27 -0.62 5.74
N ALA B 22 12.43 -0.63 6.75
CA ALA B 22 11.20 0.03 6.72
C ALA B 22 11.37 1.51 6.39
N GLY B 23 10.42 2.02 5.65
CA GLY B 23 10.44 3.42 5.33
C GLY B 23 11.44 3.85 4.32
N THR B 24 11.91 2.86 3.55
CA THR B 24 12.80 3.10 2.43
C THR B 24 12.17 2.45 1.22
N ARG B 25 12.55 2.98 0.11
CA ARG B 25 12.12 2.42 -1.15
C ARG B 25 12.88 1.13 -1.43
N ILE B 26 12.17 0.18 -2.02
CA ILE B 26 12.71 -1.16 -2.39
C ILE B 26 13.31 -1.08 -3.72
N THR B 27 14.47 -1.72 -3.86
CA THR B 27 14.98 -1.81 -5.20
C THR B 27 14.40 -3.06 -5.82
N ALA B 28 13.80 -2.93 -7.00
CA ALA B 28 13.18 -4.06 -7.62
C ALA B 28 14.20 -5.11 -7.99
N PRO B 29 13.85 -6.39 -7.82
CA PRO B 29 14.67 -7.45 -8.41
C PRO B 29 14.70 -7.40 -9.88
N LYS B 30 15.64 -8.14 -10.44
CA LYS B 30 15.57 -8.36 -11.82
C LYS B 30 14.30 -9.17 -12.03
N PRO B 31 13.43 -8.77 -12.99
CA PRO B 31 12.11 -9.35 -13.14
C PRO B 31 12.24 -10.85 -13.45
N PRO B 32 11.33 -11.62 -12.91
CA PRO B 32 11.28 -13.00 -13.16
C PRO B 32 10.66 -13.30 -14.56
N THR B 33 10.88 -14.54 -15.02
CA THR B 33 10.18 -15.07 -16.19
C THR B 33 9.41 -16.36 -15.95
N LYS B 34 8.48 -16.59 -16.88
CA LYS B 34 7.67 -17.79 -16.98
C LYS B 34 7.58 -17.97 -18.52
N GLN B 35 8.18 -19.04 -19.06
CA GLN B 35 8.20 -19.24 -20.50
CA GLN B 35 8.21 -19.24 -20.51
C GLN B 35 6.82 -19.21 -21.08
N GLY B 36 6.66 -18.39 -22.12
CA GLY B 36 5.37 -18.20 -22.78
C GLY B 36 4.49 -17.12 -22.18
N TYR B 37 5.02 -16.39 -21.19
CA TYR B 37 4.20 -15.46 -20.50
C TYR B 37 4.97 -14.16 -20.38
N VAL B 38 4.26 -13.14 -19.94
CA VAL B 38 4.82 -11.85 -19.66
C VAL B 38 4.60 -11.54 -18.19
N PHE B 39 5.66 -11.05 -17.59
CA PHE B 39 5.66 -10.58 -16.24
C PHE B 39 4.97 -9.26 -16.09
N LYS B 40 3.92 -9.25 -15.30
CA LYS B 40 3.02 -8.12 -15.12
C LYS B 40 3.40 -7.23 -13.96
N GLY B 41 4.23 -7.68 -13.05
CA GLY B 41 4.59 -6.96 -11.83
C GLY B 41 4.45 -7.82 -10.59
N TRP B 42 4.78 -7.11 -9.57
CA TRP B 42 4.79 -7.64 -8.23
C TRP B 42 3.60 -7.10 -7.45
N TYR B 43 2.78 -8.00 -6.98
CA TYR B 43 1.50 -7.64 -6.35
C TYR B 43 1.49 -8.10 -4.90
N THR B 44 0.75 -7.35 -4.12
CA THR B 44 0.67 -7.65 -2.73
C THR B 44 -0.20 -8.87 -2.37
N GLU B 45 -1.00 -9.33 -3.33
CA GLU B 45 -1.82 -10.50 -3.18
C GLU B 45 -1.62 -11.38 -4.45
N LYS B 46 -1.86 -12.68 -4.32
CA LYS B 46 -1.57 -13.54 -5.43
C LYS B 46 -2.42 -13.26 -6.63
N ASN B 47 -3.67 -12.96 -6.35
N ASN B 47 -3.67 -12.96 -6.36
CA ASN B 47 -4.61 -12.74 -7.40
CA ASN B 47 -4.62 -12.74 -7.44
C ASN B 47 -4.48 -11.33 -7.99
C ASN B 47 -4.43 -11.35 -8.05
N GLY B 48 -3.49 -10.57 -7.49
CA GLY B 48 -3.16 -9.26 -7.98
C GLY B 48 -4.07 -8.06 -8.16
N GLY B 49 -4.80 -7.58 -7.16
CA GLY B 49 -5.41 -6.28 -7.28
C GLY B 49 -4.59 -5.02 -6.93
N HIS B 50 -3.49 -5.16 -6.25
CA HIS B 50 -2.66 -4.02 -5.82
C HIS B 50 -1.23 -4.34 -6.21
N GLU B 51 -0.66 -3.53 -7.04
CA GLU B 51 0.68 -3.72 -7.49
C GLU B 51 1.61 -2.83 -6.71
N TRP B 52 2.74 -3.39 -6.36
CA TRP B 52 3.84 -2.60 -5.72
C TRP B 52 4.54 -1.81 -6.78
N ASN B 53 4.71 -0.52 -6.57
CA ASN B 53 5.40 0.36 -7.53
C ASN B 53 6.71 0.72 -6.80
N PHE B 54 7.80 0.24 -7.35
CA PHE B 54 9.05 0.40 -6.71
C PHE B 54 9.58 1.83 -6.61
N ASN B 55 9.11 2.65 -7.54
CA ASN B 55 9.46 4.06 -7.53
C ASN B 55 8.73 4.90 -6.49
N THR B 56 7.48 4.52 -6.22
CA THR B 56 6.61 5.31 -5.32
C THR B 56 6.52 4.80 -3.88
N ASP B 57 6.66 3.48 -3.73
CA ASP B 57 6.25 2.87 -2.50
C ASP B 57 7.40 2.66 -1.56
N TYR B 58 7.04 2.70 -0.30
CA TYR B 58 8.00 2.59 0.81
C TYR B 58 7.75 1.31 1.58
N MET B 59 8.83 0.65 1.89
CA MET B 59 8.79 -0.59 2.63
C MET B 59 8.00 -0.41 3.90
N SER B 60 7.07 -1.32 4.15
CA SER B 60 6.33 -1.30 5.39
CA SER B 60 6.33 -1.24 5.38
C SER B 60 7.11 -1.77 6.58
N GLY B 61 6.57 -1.41 7.73
CA GLY B 61 7.06 -1.85 9.00
C GLY B 61 6.57 -3.21 9.37
N ASN B 62 6.68 -4.16 8.44
CA ASN B 62 6.24 -5.49 8.63
CA ASN B 62 6.30 -5.53 8.64
C ASN B 62 6.81 -6.31 7.50
N ASP B 63 6.92 -7.61 7.67
CA ASP B 63 7.21 -8.51 6.57
C ASP B 63 5.99 -8.75 5.67
N PHE B 64 6.24 -8.94 4.36
CA PHE B 64 5.13 -9.23 3.45
C PHE B 64 5.72 -9.92 2.26
N THR B 65 4.79 -10.48 1.55
CA THR B 65 5.13 -11.18 0.32
C THR B 65 4.67 -10.33 -0.86
N LEU B 66 5.47 -10.34 -1.92
CA LEU B 66 5.08 -9.83 -3.23
C LEU B 66 5.02 -11.02 -4.10
N TYR B 67 3.94 -11.05 -4.88
CA TYR B 67 3.62 -12.17 -5.81
C TYR B 67 3.80 -11.73 -7.23
N ALA B 68 4.60 -12.44 -8.01
CA ALA B 68 4.75 -12.20 -9.41
C ALA B 68 3.41 -12.58 -9.99
N VAL B 69 2.98 -11.74 -10.90
CA VAL B 69 1.85 -12.02 -11.83
C VAL B 69 2.33 -12.15 -13.28
N PHE B 70 1.93 -13.21 -13.94
CA PHE B 70 2.23 -13.46 -15.34
C PHE B 70 0.93 -13.63 -16.08
N LYS B 71 0.93 -13.20 -17.32
CA LYS B 71 -0.15 -13.50 -18.27
C LYS B 71 0.44 -13.93 -19.57
N ALA B 72 -0.19 -14.90 -20.17
CA ALA B 72 0.30 -15.38 -21.46
C ALA B 72 0.22 -14.40 -22.60
N GLU B 73 -0.91 -13.72 -22.63
CA GLU B 73 -1.25 -12.85 -23.71
CA GLU B 73 -1.26 -12.84 -23.72
C GLU B 73 -1.70 -11.54 -23.10
N THR B 74 -0.94 -10.49 -23.34
CA THR B 74 -1.17 -9.17 -22.68
C THR B 74 -2.06 -8.24 -23.52
N ALA C 2 10.63 14.35 3.15
CA ALA C 2 10.28 14.00 1.74
C ALA C 2 9.15 14.94 1.24
N MET C 3 8.80 14.89 -0.06
CA MET C 3 7.70 15.67 -0.56
C MET C 3 6.32 15.11 -0.13
N VAL C 4 5.36 15.98 -0.22
CA VAL C 4 4.01 15.73 0.30
C VAL C 4 3.10 15.35 -0.82
N TYR C 5 2.29 14.31 -0.58
CA TYR C 5 1.31 13.89 -1.56
C TYR C 5 -0.04 13.83 -0.88
N THR C 6 -1.07 13.50 -1.62
CA THR C 6 -2.45 13.57 -1.13
C THR C 6 -3.03 12.17 -1.05
N VAL C 7 -3.48 11.79 0.16
CA VAL C 7 -4.36 10.66 0.33
CA VAL C 7 -4.35 10.64 0.31
C VAL C 7 -5.79 11.14 0.25
N SER C 8 -6.54 10.58 -0.66
CA SER C 8 -7.95 10.84 -0.75
C SER C 8 -8.67 9.71 -0.05
N TYR C 9 -9.51 10.03 0.90
CA TYR C 9 -10.36 9.04 1.57
C TYR C 9 -11.71 9.10 0.84
N ASP C 10 -12.14 7.98 0.32
CA ASP C 10 -13.36 7.84 -0.41
C ASP C 10 -14.27 6.91 0.35
N VAL C 11 -15.41 7.47 0.76
CA VAL C 11 -16.47 6.73 1.37
C VAL C 11 -17.70 6.83 0.48
N ASP C 12 -17.92 5.78 -0.30
CA ASP C 12 -18.98 5.69 -1.28
C ASP C 12 -19.11 6.96 -2.17
N GLY C 13 -17.97 7.45 -2.61
CA GLY C 13 -17.91 8.53 -3.55
C GLY C 13 -17.76 9.92 -2.94
N THR C 14 -17.92 10.08 -1.64
CA THR C 14 -17.61 11.30 -0.91
C THR C 14 -16.13 11.28 -0.54
N VAL C 15 -15.36 12.27 -0.91
CA VAL C 15 -13.94 12.25 -0.77
C VAL C 15 -13.42 13.41 0.06
N ILE C 16 -12.56 13.06 1.01
CA ILE C 16 -11.81 14.03 1.79
C ILE C 16 -10.34 13.83 1.48
N LYS C 17 -9.66 14.90 1.17
CA LYS C 17 -8.24 14.86 0.85
C LYS C 17 -7.40 15.28 2.06
N THR C 18 -6.32 14.56 2.26
CA THR C 18 -5.34 14.86 3.30
C THR C 18 -3.94 14.79 2.76
N LYS C 19 -3.14 15.78 3.06
CA LYS C 19 -1.80 15.82 2.61
C LYS C 19 -0.89 15.13 3.62
N VAL C 20 -0.03 14.20 3.16
CA VAL C 20 0.90 13.42 4.03
C VAL C 20 2.29 13.39 3.36
N GLU C 21 3.36 13.54 4.13
CA GLU C 21 4.71 13.39 3.68
C GLU C 21 4.95 11.93 3.23
N ALA C 22 5.46 11.76 2.02
CA ALA C 22 5.82 10.45 1.56
C ALA C 22 6.85 9.86 2.55
N GLY C 23 6.74 8.55 2.71
CA GLY C 23 7.66 7.88 3.55
C GLY C 23 7.44 8.08 5.03
N THR C 24 6.25 8.55 5.43
CA THR C 24 5.82 8.63 6.81
C THR C 24 4.55 7.87 7.00
N ARG C 25 4.24 7.48 8.23
CA ARG C 25 3.03 6.78 8.49
C ARG C 25 1.85 7.73 8.47
N ILE C 26 0.73 7.23 7.99
CA ILE C 26 -0.50 7.97 7.94
C ILE C 26 -1.23 7.72 9.27
N THR C 27 -1.89 8.74 9.76
CA THR C 27 -2.69 8.59 10.97
C THR C 27 -4.10 8.32 10.52
N ALA C 28 -4.67 7.22 10.93
CA ALA C 28 -5.99 6.85 10.50
C ALA C 28 -7.02 7.91 10.88
N PRO C 29 -7.97 8.13 10.00
CA PRO C 29 -9.07 9.02 10.30
C PRO C 29 -9.97 8.41 11.33
N LYS C 30 -10.86 9.21 11.85
CA LYS C 30 -11.91 8.59 12.65
C LYS C 30 -12.72 7.72 11.67
N PRO C 31 -13.14 6.53 12.12
CA PRO C 31 -13.71 5.64 11.11
C PRO C 31 -15.06 6.04 10.60
N PRO C 32 -15.30 5.80 9.31
CA PRO C 32 -16.56 6.13 8.73
C PRO C 32 -17.65 5.15 9.15
N THR C 33 -18.89 5.50 8.86
CA THR C 33 -19.98 4.64 9.25
C THR C 33 -20.93 4.54 8.06
N LYS C 34 -21.73 3.49 8.04
CA LYS C 34 -22.75 3.32 7.03
C LYS C 34 -23.89 2.50 7.62
N GLN C 35 -25.09 3.02 7.48
CA GLN C 35 -26.23 2.35 8.07
CA GLN C 35 -26.30 2.39 7.99
C GLN C 35 -26.38 0.96 7.46
N GLY C 36 -26.53 -0.02 8.32
CA GLY C 36 -26.63 -1.43 7.88
C GLY C 36 -25.33 -2.15 7.73
N TYR C 37 -24.22 -1.49 8.11
CA TYR C 37 -22.86 -2.02 7.91
C TYR C 37 -22.00 -1.77 9.10
N VAL C 38 -20.92 -2.48 9.08
CA VAL C 38 -19.82 -2.28 9.97
C VAL C 38 -18.53 -1.96 9.13
N PHE C 39 -17.83 -0.92 9.51
CA PHE C 39 -16.63 -0.54 8.83
C PHE C 39 -15.59 -1.59 8.98
N LYS C 40 -14.92 -2.01 7.92
CA LYS C 40 -13.87 -2.96 7.94
C LYS C 40 -12.49 -2.35 7.88
N GLY C 41 -12.27 -1.44 6.94
CA GLY C 41 -10.95 -0.81 6.89
C GLY C 41 -10.89 -0.02 5.59
N TRP C 42 -9.72 0.56 5.36
CA TRP C 42 -9.42 1.36 4.17
C TRP C 42 -8.55 0.55 3.28
N TYR C 43 -8.96 0.53 2.04
CA TYR C 43 -8.34 -0.34 1.04
C TYR C 43 -7.83 0.46 -0.16
N THR C 44 -6.75 -0.02 -0.77
CA THR C 44 -6.20 0.72 -1.91
C THR C 44 -6.95 0.60 -3.18
N GLU C 45 -7.93 -0.30 -3.29
CA GLU C 45 -8.72 -0.46 -4.50
C GLU C 45 -10.12 -0.77 -4.08
N LYS C 46 -11.11 -0.49 -4.94
CA LYS C 46 -12.50 -0.81 -4.73
C LYS C 46 -12.72 -2.30 -4.65
N ASN C 47 -11.81 -3.07 -5.21
CA ASN C 47 -11.87 -4.52 -5.08
C ASN C 47 -11.64 -5.05 -3.68
N GLY C 48 -11.11 -4.21 -2.79
CA GLY C 48 -10.98 -4.62 -1.39
C GLY C 48 -10.00 -5.78 -1.11
N GLY C 49 -9.02 -5.93 -1.96
CA GLY C 49 -8.05 -6.97 -1.78
C GLY C 49 -6.85 -6.63 -0.95
N HIS C 50 -6.56 -5.38 -0.80
CA HIS C 50 -5.42 -4.94 -0.02
C HIS C 50 -5.78 -3.80 0.95
N GLU C 51 -5.66 -4.11 2.20
CA GLU C 51 -6.01 -3.18 3.26
C GLU C 51 -4.78 -2.38 3.68
N TRP C 52 -4.96 -1.07 3.80
CA TRP C 52 -3.92 -0.22 4.36
C TRP C 52 -3.88 -0.48 5.88
N ASN C 53 -2.71 -0.73 6.44
CA ASN C 53 -2.46 -0.89 7.84
C ASN C 53 -1.77 0.37 8.29
N PHE C 54 -2.48 1.20 9.06
CA PHE C 54 -2.00 2.47 9.40
C PHE C 54 -0.81 2.38 10.33
N ASN C 55 -0.66 1.26 11.06
CA ASN C 55 0.46 1.09 11.94
C ASN C 55 1.73 0.72 11.27
N THR C 56 1.62 0.01 10.16
CA THR C 56 2.83 -0.49 9.50
C THR C 56 3.17 0.16 8.16
N ASP C 57 2.19 0.76 7.52
CA ASP C 57 2.40 1.13 6.12
C ASP C 57 2.83 2.56 6.06
N TYR C 58 3.59 2.89 5.03
CA TYR C 58 4.06 4.21 4.81
C TYR C 58 3.47 4.85 3.61
N MET C 59 3.17 6.12 3.75
CA MET C 59 2.69 6.93 2.66
C MET C 59 3.56 6.82 1.45
N SER C 60 2.97 6.50 0.34
CA SER C 60 3.75 6.40 -0.88
CA SER C 60 3.71 6.40 -0.88
C SER C 60 3.98 7.81 -1.45
N GLY C 61 4.95 7.88 -2.35
CA GLY C 61 5.19 9.13 -3.05
C GLY C 61 4.34 9.27 -4.28
N ASN C 62 2.99 9.25 -4.06
CA ASN C 62 2.08 9.49 -5.11
C ASN C 62 0.78 9.85 -4.49
N ASP C 63 -0.08 10.50 -5.24
CA ASP C 63 -1.47 10.76 -4.80
C ASP C 63 -2.27 9.49 -5.02
N PHE C 64 -2.99 9.03 -4.03
CA PHE C 64 -3.78 7.88 -4.18
C PHE C 64 -5.02 7.98 -3.30
N THR C 65 -5.90 7.03 -3.52
CA THR C 65 -7.15 6.93 -2.84
C THR C 65 -7.20 5.69 -1.99
N LEU C 66 -7.75 5.91 -0.80
CA LEU C 66 -8.18 4.84 0.09
C LEU C 66 -9.68 4.80 0.12
N TYR C 67 -10.20 3.59 -0.08
CA TYR C 67 -11.63 3.36 -0.15
C TYR C 67 -12.10 2.65 1.10
N ALA C 68 -13.19 3.15 1.65
CA ALA C 68 -13.75 2.51 2.82
C ALA C 68 -14.49 1.26 2.48
N VAL C 69 -14.16 0.14 3.06
CA VAL C 69 -14.87 -1.09 2.89
C VAL C 69 -15.72 -1.33 4.10
N PHE C 70 -16.99 -1.58 3.84
CA PHE C 70 -17.98 -1.93 4.79
C PHE C 70 -18.50 -3.29 4.61
N LYS C 71 -18.68 -4.01 5.71
CA LYS C 71 -19.31 -5.32 5.64
C LYS C 71 -20.74 -5.21 6.19
N ALA C 72 -21.71 -5.82 5.49
CA ALA C 72 -23.06 -5.71 5.88
C ALA C 72 -23.27 -6.41 7.22
N GLU C 73 -24.20 -5.84 8.03
CA GLU C 73 -24.67 -6.45 9.27
C GLU C 73 -25.59 -7.58 9.05
N THR C 74 -25.99 -7.83 7.84
CA THR C 74 -26.80 -8.97 7.42
C THR C 74 -25.96 -9.78 6.38
N ALA D 2 -6.11 25.10 19.26
CA ALA D 2 -7.45 24.83 19.85
C ALA D 2 -7.63 23.32 19.93
N MET D 3 -8.71 22.89 20.59
CA MET D 3 -9.07 21.49 20.64
CA MET D 3 -9.09 21.50 20.63
C MET D 3 -9.46 21.06 19.19
N VAL D 4 -9.37 19.79 18.91
CA VAL D 4 -9.72 19.22 17.61
C VAL D 4 -11.05 18.46 17.82
N TYR D 5 -11.97 18.62 16.86
CA TYR D 5 -13.26 18.03 16.92
C TYR D 5 -13.44 17.35 15.55
N THR D 6 -14.55 16.67 15.40
CA THR D 6 -14.86 15.87 14.21
C THR D 6 -16.10 16.39 13.55
N VAL D 7 -15.90 16.67 12.24
CA VAL D 7 -16.99 16.92 11.33
C VAL D 7 -17.34 15.64 10.63
N SER D 8 -18.59 15.28 10.77
CA SER D 8 -19.16 14.16 10.02
C SER D 8 -19.97 14.66 8.87
N TYR D 9 -19.72 14.06 7.71
CA TYR D 9 -20.44 14.35 6.52
C TYR D 9 -21.31 13.18 6.14
N ASP D 10 -22.60 13.37 6.23
CA ASP D 10 -23.58 12.32 6.05
C ASP D 10 -24.27 12.46 4.71
N VAL D 11 -24.12 11.43 3.89
CA VAL D 11 -24.83 11.29 2.62
C VAL D 11 -25.72 10.08 2.72
N ASP D 12 -27.00 10.36 2.91
CA ASP D 12 -28.02 9.32 3.03
CA ASP D 12 -28.04 9.32 3.06
C ASP D 12 -27.66 8.17 3.99
N GLY D 13 -27.10 8.51 5.14
CA GLY D 13 -26.71 7.53 6.18
C GLY D 13 -25.31 6.91 6.07
N THR D 14 -24.52 7.36 5.10
CA THR D 14 -23.16 7.03 4.94
C THR D 14 -22.37 8.24 5.35
N VAL D 15 -21.47 7.99 6.29
CA VAL D 15 -20.77 9.09 7.03
C VAL D 15 -19.26 8.98 6.88
N ILE D 16 -18.64 10.04 6.40
CA ILE D 16 -17.19 10.19 6.41
C ILE D 16 -16.86 11.24 7.46
N LYS D 17 -15.78 11.07 8.16
CA LYS D 17 -15.44 11.94 9.21
C LYS D 17 -14.07 12.50 9.07
N THR D 18 -13.89 13.73 9.50
CA THR D 18 -12.59 14.32 9.51
C THR D 18 -12.39 15.15 10.79
N LYS D 19 -11.18 15.14 11.27
CA LYS D 19 -10.82 15.90 12.45
CA LYS D 19 -10.82 15.90 12.46
C LYS D 19 -10.30 17.27 12.04
N VAL D 20 -10.85 18.30 12.70
CA VAL D 20 -10.52 19.66 12.38
C VAL D 20 -10.34 20.40 13.70
N GLU D 21 -9.30 21.26 13.68
CA GLU D 21 -9.02 22.15 14.82
CA GLU D 21 -8.98 22.13 14.81
C GLU D 21 -10.13 23.13 14.97
N ALA D 22 -10.69 23.32 16.16
CA ALA D 22 -11.73 24.30 16.41
C ALA D 22 -11.20 25.68 15.93
N GLY D 23 -12.10 26.51 15.44
CA GLY D 23 -11.69 27.88 15.12
C GLY D 23 -10.79 27.97 13.88
N THR D 24 -10.78 26.96 13.01
CA THR D 24 -10.06 27.03 11.75
C THR D 24 -11.03 26.73 10.65
N ARG D 25 -10.61 27.11 9.47
CA ARG D 25 -11.45 26.91 8.35
CA ARG D 25 -11.43 26.92 8.29
C ARG D 25 -11.57 25.44 7.89
N ILE D 26 -12.77 25.06 7.51
CA ILE D 26 -13.04 23.68 7.04
C ILE D 26 -13.01 23.66 5.51
N THR D 27 -12.44 22.62 4.91
CA THR D 27 -12.43 22.42 3.47
C THR D 27 -13.55 21.43 3.15
N ALA D 28 -14.50 21.79 2.30
CA ALA D 28 -15.60 20.91 1.98
C ALA D 28 -15.04 19.66 1.29
N PRO D 29 -15.67 18.49 1.56
CA PRO D 29 -15.38 17.32 0.81
C PRO D 29 -15.76 17.51 -0.63
N LYS D 30 -15.53 16.48 -1.43
N LYS D 30 -15.17 16.66 -1.47
CA LYS D 30 -16.27 16.34 -2.69
CA LYS D 30 -15.53 16.66 -2.86
C LYS D 30 -17.51 15.42 -2.56
C LYS D 30 -17.07 16.54 -2.90
N PRO D 31 -18.73 15.92 -2.88
N PRO D 31 -17.72 17.44 -3.64
CA PRO D 31 -19.93 15.07 -2.85
CA PRO D 31 -19.20 17.49 -3.73
C PRO D 31 -19.94 13.96 -3.88
C PRO D 31 -19.84 16.27 -4.38
N PRO D 32 -20.71 12.85 -3.66
N PRO D 32 -20.66 15.57 -3.60
CA PRO D 32 -20.89 11.79 -4.65
CA PRO D 32 -21.20 14.28 -3.90
C PRO D 32 -21.79 12.22 -5.84
C PRO D 32 -22.22 14.40 -4.98
N THR D 33 -21.62 11.53 -6.95
N THR D 33 -22.38 13.31 -5.71
CA THR D 33 -22.45 11.76 -8.10
CA THR D 33 -23.16 13.30 -6.92
C THR D 33 -23.77 11.02 -7.81
C THR D 33 -24.20 12.22 -6.78
N LYS D 34 -24.86 11.75 -7.72
N LYS D 34 -25.39 12.43 -7.34
CA LYS D 34 -26.19 11.16 -7.48
CA LYS D 34 -26.40 11.37 -7.39
C LYS D 34 -27.03 11.41 -8.71
C LYS D 34 -27.13 11.45 -8.72
N GLN D 35 -27.14 10.34 -9.48
CA GLN D 35 -27.80 10.35 -10.78
C GLN D 35 -29.23 10.84 -10.68
N GLY D 36 -29.51 11.90 -11.45
CA GLY D 36 -30.85 12.49 -11.60
C GLY D 36 -31.02 13.70 -10.68
N TYR D 37 -29.94 14.08 -9.99
CA TYR D 37 -29.98 15.04 -8.85
C TYR D 37 -28.83 16.03 -8.96
N VAL D 38 -29.02 17.16 -8.34
CA VAL D 38 -28.01 18.19 -8.23
C VAL D 38 -27.75 18.37 -6.77
N PHE D 39 -26.47 18.44 -6.41
CA PHE D 39 -26.07 18.64 -5.03
C PHE D 39 -26.33 20.11 -4.67
N LYS D 40 -27.03 20.29 -3.55
CA LYS D 40 -27.46 21.62 -3.07
C LYS D 40 -26.56 22.19 -2.01
N GLY D 41 -26.02 21.33 -1.19
CA GLY D 41 -25.06 21.77 -0.21
C GLY D 41 -25.07 20.87 1.00
N TRP D 42 -24.28 21.26 2.02
CA TRP D 42 -24.15 20.55 3.26
C TRP D 42 -24.92 21.35 4.25
N TYR D 43 -25.90 20.71 4.89
CA TYR D 43 -26.80 21.38 5.79
CA TYR D 43 -26.79 21.42 5.76
C TYR D 43 -26.65 20.89 7.19
N THR D 44 -26.99 21.74 8.14
CA THR D 44 -26.85 21.36 9.51
C THR D 44 -27.94 20.40 10.03
N GLU D 45 -28.99 20.26 9.25
CA GLU D 45 -30.05 19.28 9.51
CA GLU D 45 -30.10 19.31 9.47
C GLU D 45 -30.31 18.47 8.25
N LYS D 46 -30.94 17.30 8.42
CA LYS D 46 -31.07 16.32 7.33
CA LYS D 46 -31.05 16.30 7.34
C LYS D 46 -31.68 16.87 6.02
N ASN D 47 -32.65 17.74 6.12
CA ASN D 47 -33.14 18.33 4.91
C ASN D 47 -33.42 19.81 5.14
N GLY D 48 -32.51 20.50 5.83
CA GLY D 48 -32.75 21.94 6.05
C GLY D 48 -31.86 22.43 7.16
N GLY D 49 -32.31 23.47 7.90
CA GLY D 49 -31.37 24.16 8.85
C GLY D 49 -30.41 25.05 8.00
N HIS D 50 -29.21 25.20 8.47
CA HIS D 50 -28.26 26.09 7.81
C HIS D 50 -27.43 25.42 6.74
N GLU D 51 -27.31 26.06 5.58
CA GLU D 51 -26.38 25.63 4.58
C GLU D 51 -24.99 26.09 4.95
N TRP D 52 -24.09 25.15 5.24
CA TRP D 52 -22.74 25.50 5.63
C TRP D 52 -22.08 26.29 4.54
N ASN D 53 -21.42 27.39 4.95
CA ASN D 53 -20.65 28.23 4.06
C ASN D 53 -19.21 28.02 4.46
N PHE D 54 -18.45 27.33 3.62
CA PHE D 54 -17.10 26.95 4.08
C PHE D 54 -16.15 28.16 4.04
N ASN D 55 -16.61 29.26 3.45
CA ASN D 55 -15.82 30.48 3.49
C ASN D 55 -15.91 31.27 4.76
N THR D 56 -17.08 31.17 5.39
CA THR D 56 -17.34 31.96 6.58
C THR D 56 -17.47 31.20 7.90
N ASP D 57 -17.92 29.95 7.81
CA ASP D 57 -18.31 29.19 8.97
C ASP D 57 -17.15 28.26 9.40
N TYR D 58 -16.42 28.65 10.43
CA TYR D 58 -15.23 27.91 10.83
C TYR D 58 -15.63 26.78 11.81
N MET D 59 -14.66 25.94 12.02
CA MET D 59 -14.88 24.72 12.79
C MET D 59 -15.38 25.12 14.14
N SER D 60 -16.53 24.54 14.44
CA SER D 60 -17.19 24.69 15.72
C SER D 60 -16.34 24.09 16.87
N GLY D 61 -16.67 24.52 18.06
CA GLY D 61 -15.97 23.98 19.24
C GLY D 61 -16.64 22.71 19.76
N ASN D 62 -17.05 21.83 18.88
CA ASN D 62 -17.74 20.61 19.18
C ASN D 62 -17.81 19.78 17.91
N ASP D 63 -18.07 18.52 18.06
CA ASP D 63 -18.43 17.67 16.95
C ASP D 63 -19.74 18.06 16.35
N PHE D 64 -19.86 17.85 15.03
CA PHE D 64 -21.16 18.02 14.48
C PHE D 64 -21.23 17.32 13.12
N THR D 65 -22.43 17.23 12.61
CA THR D 65 -22.71 16.56 11.33
C THR D 65 -23.29 17.54 10.34
N LEU D 66 -22.86 17.43 9.09
CA LEU D 66 -23.47 18.09 8.00
C LEU D 66 -24.07 17.02 7.09
N TYR D 67 -25.21 17.35 6.54
CA TYR D 67 -25.97 16.45 5.70
C TYR D 67 -26.00 16.94 4.29
N ALA D 68 -25.71 16.04 3.34
CA ALA D 68 -25.80 16.38 1.94
C ALA D 68 -27.26 16.50 1.62
N VAL D 69 -27.61 17.58 0.93
CA VAL D 69 -28.93 17.72 0.34
C VAL D 69 -28.81 17.79 -1.16
N PHE D 70 -29.66 17.01 -1.85
CA PHE D 70 -29.71 16.95 -3.36
C PHE D 70 -31.08 17.36 -3.77
N LYS D 71 -31.23 17.94 -4.93
CA LYS D 71 -32.56 18.17 -5.44
CA LYS D 71 -32.57 18.14 -5.41
C LYS D 71 -32.64 17.50 -6.79
N ALA D 72 -33.77 16.89 -7.07
CA ALA D 72 -33.97 16.23 -8.36
C ALA D 72 -33.90 17.29 -9.46
N GLU D 73 -33.18 16.91 -10.51
CA GLU D 73 -33.10 17.76 -11.70
CA GLU D 73 -33.07 17.74 -11.70
C GLU D 73 -34.34 17.47 -12.54
#